data_8SWC
#
_entry.id   8SWC
#
_cell.length_a   100.617
_cell.length_b   100.617
_cell.length_c   82.092
_cell.angle_alpha   90.000
_cell.angle_beta   90.000
_cell.angle_gamma   120.000
#
_symmetry.space_group_name_H-M   'P 31 2 1'
#
loop_
_entity.id
_entity.type
_entity.pdbx_description
1 polymer 'Ribonuclease H1'
2 polymer "RNA (5'-R(*UP*GP*GP*CP*GP*AP*GP*UP*GP*GP*GP*UP*GP*AP*GP*UP*GP*AP*GP*G)-3')"
3 polymer 'PO ASO'
4 non-polymer 'PHOSPHATE ION'
5 non-polymer 'CALCIUM ION'
6 non-polymer 'SULFATE ION'
7 water water
#
loop_
_entity_poly.entity_id
_entity_poly.type
_entity_poly.pdbx_seq_one_letter_code
_entity_poly.pdbx_strand_id
1 'polypeptide(L)'
;HHHHHHHHMSWLLFLAHRVALAALPCRRGSRGFGMFYAVRRGRKTGVFLTWNECRAQVDRFPAARFKKFATEDEAWAFVR
KSASPEVSEGHENQHGQESEAKASKRLREPLDGDGHESAEPYAKHMKPSVEPAPPVSRDTFSYMGDFVVVYTDGCCSSNG
RRRPRAGIGVYWGPGHPLNVGIRLPGRQTNQRAEIHAACKAIEQAKTQNINKLVLYTNSMFTINGITNWVQGWKKNGWKT
SAGKEVINKEDFVALERLTQGMDIQWMHVPGHSGFIGNEEADRLAREGAKQSED
;
A
2 'polyribonucleotide' UGGCGAGUGGGUGAGUGAGG B
3 'polydeoxyribonucleotide'
;(OMC)(C5L)(T39)(C5L)(A2M)(DC)(DT)(DC)(DA)(DC)(DC)(DC)(DA)(DC)(DT)(OMC)(OMG)(OMC)
(OMC)(A2M)
;
C
#
# COMPACT_ATOMS: atom_id res chain seq x y z
N ASP A 146 6.41 -19.15 10.48
CA ASP A 146 6.53 -19.33 9.04
C ASP A 146 6.17 -18.03 8.29
N PHE A 147 5.17 -17.32 8.80
CA PHE A 147 4.70 -16.08 8.20
C PHE A 147 5.17 -14.88 9.02
N VAL A 148 5.08 -13.71 8.39
CA VAL A 148 5.40 -12.44 9.04
C VAL A 148 4.22 -11.49 8.86
N VAL A 149 3.93 -10.72 9.91
CA VAL A 149 2.78 -9.82 9.94
C VAL A 149 3.30 -8.39 9.81
N VAL A 150 2.70 -7.64 8.88
CA VAL A 150 3.13 -6.27 8.59
C VAL A 150 1.89 -5.40 8.41
N TYR A 151 1.98 -4.15 8.86
CA TYR A 151 0.89 -3.18 8.78
C TYR A 151 1.32 -2.02 7.89
N THR A 152 0.51 -1.71 6.88
CA THR A 152 0.80 -0.64 5.95
C THR A 152 -0.38 0.33 5.87
N ASP A 153 -0.05 1.59 5.64
CA ASP A 153 -1.05 2.63 5.44
C ASP A 153 -0.56 3.64 4.42
N GLY A 154 -1.49 4.16 3.63
CA GLY A 154 -1.19 5.26 2.74
C GLY A 154 -2.12 6.43 3.00
N CYS A 155 -1.57 7.61 3.20
CA CYS A 155 -2.34 8.80 3.50
C CYS A 155 -2.05 9.87 2.45
N CYS A 156 -2.76 11.00 2.57
CA CYS A 156 -2.57 12.12 1.66
C CYS A 156 -3.21 13.39 2.21
N SER A 157 -2.39 14.32 2.69
CA SER A 157 -2.90 15.63 3.08
C SER A 157 -3.50 16.33 1.88
N SER A 158 -4.67 16.93 2.08
CA SER A 158 -5.36 17.69 1.03
C SER A 158 -5.60 16.81 -0.20
N ASN A 159 -6.12 15.62 0.02
CA ASN A 159 -6.45 14.72 -1.07
C ASN A 159 -7.56 15.33 -1.93
N GLY A 160 -7.31 15.43 -3.23
CA GLY A 160 -8.24 16.07 -4.13
C GLY A 160 -8.23 17.59 -4.09
N ARG A 161 -7.32 18.19 -3.32
CA ARG A 161 -7.22 19.64 -3.21
C ARG A 161 -6.08 20.14 -4.10
N ARG A 162 -5.62 21.37 -3.86
CA ARG A 162 -4.66 22.00 -4.75
C ARG A 162 -3.26 21.45 -4.55
N ARG A 163 -2.81 21.32 -3.30
CA ARG A 163 -1.45 20.91 -2.97
C ARG A 163 -1.50 19.65 -2.11
N PRO A 164 -1.71 18.48 -2.73
CA PRO A 164 -1.77 17.24 -1.95
C PRO A 164 -0.39 16.68 -1.63
N ARG A 165 -0.27 16.14 -0.42
CA ARG A 165 0.96 15.53 0.07
C ARG A 165 0.65 14.12 0.53
N ALA A 166 1.17 13.13 -0.19
CA ALA A 166 0.88 11.72 0.07
C ALA A 166 2.08 11.04 0.72
N GLY A 167 1.82 10.26 1.78
CA GLY A 167 2.87 9.53 2.46
C GLY A 167 2.45 8.10 2.72
N ILE A 168 3.46 7.28 3.03
CA ILE A 168 3.25 5.85 3.26
C ILE A 168 3.95 5.44 4.55
N GLY A 169 3.41 4.41 5.19
CA GLY A 169 3.99 3.90 6.42
C GLY A 169 3.92 2.39 6.47
N VAL A 170 4.94 1.79 7.06
CA VAL A 170 5.06 0.34 7.20
C VAL A 170 5.49 0.02 8.61
N TYR A 171 4.82 -0.95 9.24
CA TYR A 171 5.10 -1.36 10.61
C TYR A 171 5.36 -2.86 10.63
N TRP A 172 6.50 -3.26 11.20
CA TRP A 172 6.87 -4.65 11.37
C TRP A 172 6.87 -5.10 12.83
N GLY A 173 7.48 -4.33 13.72
CA GLY A 173 7.58 -4.69 15.12
C GLY A 173 7.89 -3.49 16.00
N PRO A 174 7.77 -3.66 17.32
CA PRO A 174 8.07 -2.55 18.23
C PRO A 174 9.52 -2.10 18.12
N GLY A 175 9.74 -0.91 17.57
CA GLY A 175 11.10 -0.46 17.33
C GLY A 175 11.82 -1.22 16.25
N HIS A 176 11.09 -1.90 15.37
CA HIS A 176 11.71 -2.64 14.28
C HIS A 176 12.43 -1.66 13.36
N PRO A 177 13.69 -1.91 13.02
CA PRO A 177 14.43 -0.94 12.18
C PRO A 177 13.85 -0.76 10.78
N LEU A 178 13.05 -1.71 10.30
CA LEU A 178 12.44 -1.58 8.99
C LEU A 178 11.19 -0.71 9.01
N ASN A 179 10.77 -0.22 10.18
CA ASN A 179 9.68 0.73 10.24
C ASN A 179 10.04 2.00 9.47
N VAL A 180 9.17 2.40 8.54
CA VAL A 180 9.45 3.51 7.64
C VAL A 180 8.21 4.37 7.44
N GLY A 181 8.44 5.66 7.21
CA GLY A 181 7.40 6.60 6.85
C GLY A 181 7.92 7.62 5.87
N ILE A 182 7.67 7.43 4.58
CA ILE A 182 8.30 8.21 3.53
C ILE A 182 7.24 8.93 2.72
N ARG A 183 7.62 10.10 2.20
CA ARG A 183 6.81 10.79 1.21
C ARG A 183 6.76 9.96 -0.07
N LEU A 184 5.57 9.90 -0.67
CA LEU A 184 5.36 9.07 -1.86
C LEU A 184 5.72 9.85 -3.11
N PRO A 185 6.65 9.37 -3.94
CA PRO A 185 6.92 10.04 -5.22
C PRO A 185 5.79 9.82 -6.21
N GLY A 186 5.71 10.74 -7.18
CA GLY A 186 4.71 10.64 -8.22
C GLY A 186 3.43 11.38 -7.92
N ARG A 187 2.32 10.94 -8.52
CA ARG A 187 1.04 11.59 -8.28
C ARG A 187 0.64 11.45 -6.82
N GLN A 188 0.05 12.51 -6.27
CA GLN A 188 -0.25 12.61 -4.84
C GLN A 188 -1.73 12.30 -4.62
N THR A 189 -2.03 11.03 -4.40
CA THR A 189 -3.37 10.59 -4.05
C THR A 189 -3.28 9.59 -2.90
N ASN A 190 -4.41 9.40 -2.21
CA ASN A 190 -4.47 8.42 -1.14
C ASN A 190 -4.43 7.00 -1.68
N GLN A 191 -5.11 6.76 -2.80
CA GLN A 191 -5.15 5.41 -3.38
C GLN A 191 -3.77 4.95 -3.80
N ARG A 192 -3.01 5.83 -4.47
CA ARG A 192 -1.63 5.50 -4.82
C ARG A 192 -0.80 5.24 -3.58
N ALA A 193 -1.00 6.04 -2.52
CA ALA A 193 -0.24 5.85 -1.29
C ALA A 193 -0.55 4.50 -0.66
N GLU A 194 -1.82 4.09 -0.67
CA GLU A 194 -2.18 2.80 -0.07
C GLU A 194 -1.55 1.64 -0.81
N ILE A 195 -1.58 1.68 -2.15
CA ILE A 195 -0.99 0.60 -2.94
C ILE A 195 0.52 0.53 -2.71
N HIS A 196 1.20 1.67 -2.80
CA HIS A 196 2.65 1.68 -2.69
C HIS A 196 3.12 1.55 -1.24
N ALA A 197 2.27 1.85 -0.26
CA ALA A 197 2.59 1.48 1.12
C ALA A 197 2.76 -0.03 1.23
N ALA A 198 1.84 -0.79 0.62
CA ALA A 198 2.05 -2.23 0.49
C ALA A 198 3.36 -2.51 -0.22
N CYS A 199 3.50 -2.01 -1.45
CA CYS A 199 4.67 -2.21 -2.31
C CYS A 199 5.99 -2.12 -1.54
N LYS A 200 6.11 -1.15 -0.65
CA LYS A 200 7.32 -1.03 0.16
C LYS A 200 7.47 -2.19 1.12
N ALA A 201 6.36 -2.76 1.61
CA ALA A 201 6.45 -3.91 2.50
C ALA A 201 6.99 -5.13 1.78
N ILE A 202 6.44 -5.46 0.61
CA ILE A 202 6.97 -6.56 -0.18
C ILE A 202 8.40 -6.27 -0.60
N GLU A 203 8.71 -5.00 -0.85
CA GLU A 203 10.09 -4.60 -1.14
C GLU A 203 11.02 -5.01 0.00
N GLN A 204 10.69 -4.60 1.23
CA GLN A 204 11.57 -4.83 2.36
C GLN A 204 11.63 -6.31 2.72
N ALA A 205 10.51 -7.02 2.60
CA ALA A 205 10.50 -8.44 2.93
C ALA A 205 11.42 -9.24 2.01
N LYS A 206 11.49 -8.84 0.73
CA LYS A 206 12.36 -9.54 -0.21
C LYS A 206 13.83 -9.33 0.14
N THR A 207 14.19 -8.15 0.64
CA THR A 207 15.55 -7.92 1.13
C THR A 207 15.85 -8.67 2.42
N GLN A 208 14.87 -9.37 2.99
CA GLN A 208 15.06 -10.16 4.21
C GLN A 208 14.85 -11.65 3.95
N ASN A 209 14.88 -12.07 2.69
CA ASN A 209 14.64 -13.47 2.30
C ASN A 209 13.29 -13.96 2.80
N ILE A 210 12.34 -13.05 2.96
CA ILE A 210 10.99 -13.39 3.38
C ILE A 210 10.12 -13.55 2.14
N ASN A 211 9.33 -14.63 2.10
CA ASN A 211 8.38 -14.85 1.03
C ASN A 211 6.95 -15.09 1.52
N LYS A 212 6.77 -15.46 2.78
CA LYS A 212 5.45 -15.64 3.37
C LYS A 212 5.11 -14.39 4.17
N LEU A 213 4.04 -13.70 3.76
CA LEU A 213 3.68 -12.42 4.36
C LEU A 213 2.21 -12.40 4.69
N VAL A 214 1.87 -11.73 5.79
CA VAL A 214 0.50 -11.42 6.15
C VAL A 214 0.42 -9.90 6.19
N LEU A 215 -0.30 -9.31 5.23
CA LEU A 215 -0.24 -7.88 4.96
C LEU A 215 -1.56 -7.25 5.36
N TYR A 216 -1.48 -6.24 6.23
CA TYR A 216 -2.64 -5.53 6.75
C TYR A 216 -2.71 -4.13 6.14
N THR A 217 -3.89 -3.78 5.64
CA THR A 217 -4.16 -2.42 5.15
C THR A 217 -5.66 -2.21 5.20
N ASN A 218 -6.06 -0.96 5.42
CA ASN A 218 -7.48 -0.62 5.46
C ASN A 218 -8.04 -0.31 4.07
N SER A 219 -7.24 -0.45 3.02
CA SER A 219 -7.67 -0.09 1.66
C SER A 219 -8.28 -1.32 1.00
N MET A 220 -9.61 -1.40 1.03
CA MET A 220 -10.31 -2.43 0.26
C MET A 220 -10.05 -2.25 -1.23
N PHE A 221 -9.85 -1.01 -1.68
CA PHE A 221 -9.43 -0.75 -3.05
C PHE A 221 -8.15 -1.50 -3.38
N THR A 222 -7.14 -1.38 -2.52
CA THR A 222 -5.89 -2.10 -2.72
C THR A 222 -6.13 -3.61 -2.66
N ILE A 223 -6.85 -4.07 -1.64
CA ILE A 223 -7.02 -5.51 -1.43
C ILE A 223 -7.81 -6.13 -2.58
N ASN A 224 -8.97 -5.55 -2.91
CA ASN A 224 -9.80 -6.10 -3.97
C ASN A 224 -9.11 -6.03 -5.33
N GLY A 225 -8.31 -4.99 -5.56
CA GLY A 225 -7.64 -4.86 -6.85
C GLY A 225 -6.61 -5.94 -7.08
N ILE A 226 -5.71 -6.14 -6.12
CA ILE A 226 -4.62 -7.10 -6.32
C ILE A 226 -5.14 -8.53 -6.25
N THR A 227 -6.19 -8.78 -5.46
CA THR A 227 -6.68 -10.15 -5.28
C THR A 227 -7.77 -10.53 -6.26
N ASN A 228 -8.39 -9.57 -6.94
CA ASN A 228 -9.55 -9.88 -7.78
C ASN A 228 -9.51 -9.15 -9.11
N TRP A 229 -9.63 -7.81 -9.06
CA TRP A 229 -9.89 -7.03 -10.27
C TRP A 229 -8.77 -7.18 -11.31
N VAL A 230 -7.53 -7.42 -10.86
CA VAL A 230 -6.41 -7.44 -11.79
C VAL A 230 -6.57 -8.54 -12.83
N GLN A 231 -7.04 -9.71 -12.41
CA GLN A 231 -7.18 -10.83 -13.35
C GLN A 231 -8.14 -10.48 -14.48
N GLY A 232 -9.26 -9.84 -14.16
CA GLY A 232 -10.18 -9.42 -15.19
C GLY A 232 -9.66 -8.24 -15.99
N TRP A 233 -8.84 -7.39 -15.37
CA TRP A 233 -8.31 -6.21 -16.05
C TRP A 233 -7.36 -6.61 -17.17
N LYS A 234 -6.49 -7.60 -16.94
CA LYS A 234 -5.64 -8.09 -18.02
C LYS A 234 -6.43 -8.71 -19.15
N LYS A 235 -7.64 -9.18 -18.89
CA LYS A 235 -8.44 -9.83 -19.91
C LYS A 235 -9.20 -8.84 -20.78
N ASN A 236 -9.64 -7.72 -20.21
CA ASN A 236 -10.46 -6.76 -20.93
C ASN A 236 -9.70 -5.51 -21.36
N GLY A 237 -8.37 -5.54 -21.31
CA GLY A 237 -7.59 -4.39 -21.70
C GLY A 237 -7.53 -3.28 -20.67
N TRP A 238 -7.66 -3.63 -19.39
CA TRP A 238 -7.57 -2.67 -18.28
C TRP A 238 -8.63 -1.58 -18.41
N LYS A 239 -9.88 -2.01 -18.42
CA LYS A 239 -11.02 -1.12 -18.59
C LYS A 239 -11.94 -1.24 -17.38
N THR A 240 -12.30 -0.11 -16.78
CA THR A 240 -13.19 -0.11 -15.65
C THR A 240 -14.59 -0.56 -16.07
N SER A 241 -15.49 -0.63 -15.09
CA SER A 241 -16.87 -1.00 -15.37
C SER A 241 -17.54 0.01 -16.31
N ALA A 242 -17.14 1.28 -16.23
CA ALA A 242 -17.69 2.32 -17.07
C ALA A 242 -17.00 2.43 -18.42
N GLY A 243 -16.04 1.54 -18.71
CA GLY A 243 -15.35 1.54 -19.99
C GLY A 243 -14.14 2.43 -20.07
N LYS A 244 -13.88 3.23 -19.04
CA LYS A 244 -12.71 4.10 -19.05
C LYS A 244 -11.47 3.33 -18.64
N GLU A 245 -10.31 3.96 -18.83
CA GLU A 245 -9.05 3.33 -18.47
C GLU A 245 -8.91 3.25 -16.95
N VAL A 246 -8.26 2.18 -16.49
CA VAL A 246 -8.05 1.97 -15.06
C VAL A 246 -6.97 2.96 -14.61
N ILE A 247 -7.34 3.89 -13.73
CA ILE A 247 -6.48 5.02 -13.41
C ILE A 247 -5.17 4.54 -12.77
N ASN A 248 -5.28 3.71 -11.74
CA ASN A 248 -4.11 3.24 -10.99
C ASN A 248 -3.49 1.98 -11.57
N LYS A 249 -3.61 1.76 -12.88
CA LYS A 249 -2.99 0.60 -13.52
C LYS A 249 -1.51 0.54 -13.20
N GLU A 250 -0.81 1.66 -13.35
CA GLU A 250 0.63 1.71 -13.09
C GLU A 250 0.96 1.19 -11.70
N ASP A 251 0.16 1.56 -10.70
CA ASP A 251 0.44 1.14 -9.33
C ASP A 251 0.10 -0.34 -9.14
N PHE A 252 -0.97 -0.82 -9.76
CA PHE A 252 -1.33 -2.23 -9.61
C PHE A 252 -0.38 -3.13 -10.36
N VAL A 253 0.11 -2.70 -11.53
CA VAL A 253 1.14 -3.46 -12.24
C VAL A 253 2.40 -3.54 -11.40
N ALA A 254 2.78 -2.43 -10.74
CA ALA A 254 3.93 -2.45 -9.86
C ALA A 254 3.72 -3.39 -8.69
N LEU A 255 2.51 -3.41 -8.13
CA LEU A 255 2.23 -4.25 -6.97
C LEU A 255 2.31 -5.74 -7.34
N GLU A 256 1.62 -6.14 -8.41
CA GLU A 256 1.61 -7.55 -8.79
C GLU A 256 3.00 -8.02 -9.19
N ARG A 257 3.74 -7.16 -9.92
CA ARG A 257 5.12 -7.48 -10.26
C ARG A 257 5.93 -7.81 -9.01
N LEU A 258 5.63 -7.15 -7.89
CA LEU A 258 6.28 -7.44 -6.62
C LEU A 258 5.78 -8.73 -5.99
N THR A 259 4.50 -9.06 -6.17
CA THR A 259 3.93 -10.27 -5.54
C THR A 259 4.43 -11.56 -6.19
N GLN A 260 5.28 -11.49 -7.21
CA GLN A 260 5.79 -12.69 -7.83
C GLN A 260 6.80 -13.37 -6.91
N GLY A 261 6.68 -14.70 -6.79
CA GLY A 261 7.46 -15.40 -5.80
C GLY A 261 7.09 -15.08 -4.38
N MET A 262 5.91 -14.49 -4.17
CA MET A 262 5.46 -14.03 -2.87
C MET A 262 4.16 -14.73 -2.50
N ASP A 263 4.06 -15.15 -1.24
CA ASP A 263 2.85 -15.76 -0.70
C ASP A 263 2.30 -14.81 0.36
N ILE A 264 1.36 -13.95 -0.07
CA ILE A 264 0.83 -12.88 0.76
C ILE A 264 -0.61 -13.21 1.12
N GLN A 265 -0.95 -13.08 2.40
CA GLN A 265 -2.33 -13.17 2.87
C GLN A 265 -2.82 -11.76 3.14
N TRP A 266 -3.59 -11.22 2.21
CA TRP A 266 -4.10 -9.86 2.33
C TRP A 266 -5.20 -9.80 3.38
N MET A 267 -5.05 -8.90 4.35
CA MET A 267 -6.01 -8.78 5.45
C MET A 267 -6.40 -7.32 5.63
N HIS A 268 -7.70 -7.10 5.82
CA HIS A 268 -8.24 -5.77 6.00
C HIS A 268 -8.29 -5.41 7.48
N VAL A 269 -8.06 -4.13 7.77
CA VAL A 269 -8.15 -3.59 9.12
C VAL A 269 -9.26 -2.57 9.14
N PRO A 270 -10.19 -2.62 10.11
CA PRO A 270 -11.08 -1.48 10.33
C PRO A 270 -10.25 -0.25 10.66
N GLY A 271 -10.43 0.81 9.86
CA GLY A 271 -9.57 1.97 9.95
C GLY A 271 -9.62 2.65 11.30
N HIS A 272 -10.73 2.52 12.02
CA HIS A 272 -10.90 3.18 13.31
C HIS A 272 -11.15 2.19 14.44
N SER A 273 -10.93 0.89 14.22
CA SER A 273 -11.19 -0.12 15.24
C SER A 273 -10.07 -1.14 15.40
N GLY A 274 -8.98 -1.04 14.64
CA GLY A 274 -7.86 -1.95 14.78
C GLY A 274 -7.03 -1.63 16.01
N PHE A 275 -6.03 -2.48 16.25
CA PHE A 275 -5.18 -2.30 17.43
C PHE A 275 -3.98 -1.44 17.04
N ILE A 276 -2.98 -1.38 17.92
CA ILE A 276 -1.89 -0.41 17.78
C ILE A 276 -1.09 -0.60 16.49
N GLY A 277 -1.20 -1.75 15.84
CA GLY A 277 -0.46 -1.96 14.60
C GLY A 277 -0.92 -1.03 13.49
N ASN A 278 -2.23 -0.98 13.25
CA ASN A 278 -2.75 -0.05 12.24
C ASN A 278 -2.62 1.39 12.71
N GLU A 279 -2.88 1.64 14.00
CA GLU A 279 -2.81 3.01 14.52
C GLU A 279 -1.41 3.60 14.34
N GLU A 280 -0.37 2.81 14.60
CA GLU A 280 0.98 3.31 14.43
C GLU A 280 1.31 3.49 12.95
N ALA A 281 1.08 2.43 12.15
CA ALA A 281 1.37 2.49 10.72
C ALA A 281 0.77 3.73 10.07
N ASP A 282 -0.44 4.11 10.48
CA ASP A 282 -1.02 5.36 9.99
C ASP A 282 -0.15 6.55 10.39
N ARG A 283 0.31 6.58 11.64
CA ARG A 283 1.12 7.70 12.11
C ARG A 283 2.43 7.82 11.34
N LEU A 284 3.03 6.69 10.96
CA LEU A 284 4.21 6.75 10.10
C LEU A 284 3.88 7.36 8.75
N ALA A 285 2.72 7.02 8.20
CA ALA A 285 2.31 7.60 6.91
C ALA A 285 2.07 9.10 7.04
N ARG A 286 1.37 9.51 8.10
CA ARG A 286 1.05 10.92 8.29
C ARG A 286 2.32 11.76 8.38
N GLU A 287 3.29 11.31 9.18
CA GLU A 287 4.55 12.03 9.30
C GLU A 287 5.42 11.90 8.06
N GLY A 288 5.23 10.85 7.27
CA GLY A 288 5.94 10.73 6.01
C GLY A 288 5.46 11.71 4.97
N ALA A 289 4.16 12.01 4.97
CA ALA A 289 3.63 13.01 4.04
C ALA A 289 4.06 14.42 4.41
N LYS A 290 4.48 14.65 5.65
CA LYS A 290 4.95 15.96 6.08
C LYS A 290 6.33 16.29 5.52
N GLN A 291 7.05 15.30 4.98
CA GLN A 291 8.40 15.51 4.49
C GLN A 291 8.39 15.91 3.02
N SER A 292 9.52 16.47 2.60
CA SER A 292 9.74 16.78 1.19
C SER A 292 10.27 15.55 0.48
N GLU A 293 10.20 15.58 -0.85
CA GLU A 293 10.75 14.49 -1.64
C GLU A 293 12.28 14.54 -1.66
N ASP A 294 12.88 13.45 -2.09
CA ASP A 294 14.32 13.39 -2.23
C ASP A 294 14.73 13.82 -3.64
#